data_1ZT1
#
_entry.id   1ZT1
#
_cell.length_a   111.758
_cell.length_b   111.758
_cell.length_c   109.417
_cell.angle_alpha   90.00
_cell.angle_beta   90.00
_cell.angle_gamma   120.00
#
_symmetry.space_group_name_H-M   'P 32 2 1'
#
loop_
_entity.id
_entity.type
_entity.pdbx_description
1 polymer 'H-2 class I histocompatibility antigen, K-K alpha chain'
2 polymer Beta-2-microglobulin
3 polymer 'Influenza virus epitope, FEANGNLI'
4 non-polymer 'CHLORIDE ION'
5 water water
#
loop_
_entity_poly.entity_id
_entity_poly.type
_entity_poly.pdbx_seq_one_letter_code
_entity_poly.pdbx_strand_id
1 'polypeptide(L)'
;MGPHSLRYFHTAVSRPGLGKPRFISVGYVDDTQFVRFDSDAENPRYEPRVRWMEQVEPEYWERNTQIAKGNEQIFRVNLR
TALRYYNQSAGGSHTFQRMYGCEVGSDWRLLRGYEQYAYDGCDYIALNEDLKTWTAADMAALITKHKWEQAGDAERDRAY
LEGTCVEWLRRYLQLGNATLPRTDSPKAHVTRHSRPEDKVTLRCWALGFYPADITLTWQLNGEELTQDMELVETRPAGDG
TFQKWASVVVPLGKEQYYTCHVYHQGLPEPLTLRWEP
;
A
2 'polypeptide(L)'
;MIQKTPQIQVYSRHPPENGKPNILNCYVTQFHPPHIEIQMLKNGKKIPKVEMSDMSFSKDWSFYILAHTEFTPTETDTYA
CRVKHDSMAEPKTVYWDRDM
;
B
3 'polypeptide(L)' FEANGNLI P
#
# COMPACT_ATOMS: atom_id res chain seq x y z
N MET A 1 -10.53 -14.72 11.41
CA MET A 1 -11.74 -13.87 11.71
C MET A 1 -12.72 -13.99 10.52
N GLY A 2 -13.70 -13.09 10.42
CA GLY A 2 -14.44 -12.82 9.20
C GLY A 2 -13.60 -12.42 7.99
N PRO A 3 -13.69 -11.17 7.51
CA PRO A 3 -13.08 -10.77 6.23
C PRO A 3 -11.55 -10.73 6.23
N HIS A 4 -10.93 -11.46 5.30
CA HIS A 4 -9.47 -11.58 5.22
C HIS A 4 -8.98 -11.65 3.80
N SER A 5 -7.69 -11.42 3.63
CA SER A 5 -7.09 -11.45 2.31
C SER A 5 -5.64 -11.91 2.33
N LEU A 6 -5.22 -12.45 1.19
CA LEU A 6 -3.84 -12.81 0.91
C LEU A 6 -3.49 -12.24 -0.46
N ARG A 7 -2.53 -11.33 -0.51
CA ARG A 7 -2.16 -10.64 -1.74
C ARG A 7 -0.67 -10.63 -1.95
N TYR A 8 -0.27 -10.82 -3.20
CA TYR A 8 1.13 -10.77 -3.55
C TYR A 8 1.40 -9.66 -4.57
N PHE A 9 2.53 -8.98 -4.40
CA PHE A 9 2.89 -7.87 -5.27
C PHE A 9 4.25 -8.18 -5.91
N HIS A 10 4.28 -8.21 -7.24
CA HIS A 10 5.45 -8.56 -8.00
C HIS A 10 5.92 -7.34 -8.81
N THR A 11 7.23 -7.05 -8.76
CA THR A 11 7.82 -5.98 -9.55
C THR A 11 9.19 -6.40 -10.07
N ALA A 12 9.41 -6.22 -11.36
CA ALA A 12 10.76 -6.27 -11.92
C ALA A 12 11.08 -4.92 -12.55
N VAL A 13 12.31 -4.46 -12.33
CA VAL A 13 12.82 -3.24 -12.89
C VAL A 13 14.09 -3.61 -13.65
N SER A 14 14.11 -3.36 -14.94
CA SER A 14 15.27 -3.68 -15.77
C SER A 14 16.34 -2.60 -15.65
N ARG A 15 17.56 -2.98 -16.03
CA ARG A 15 18.71 -2.07 -16.08
C ARG A 15 19.76 -2.59 -17.08
N PRO A 16 19.45 -2.53 -18.38
CA PRO A 16 20.43 -2.86 -19.42
C PRO A 16 21.81 -2.20 -19.24
N GLY A 17 22.85 -2.98 -19.53
CA GLY A 17 24.23 -2.56 -19.31
C GLY A 17 24.76 -2.96 -17.94
N LEU A 18 23.88 -2.94 -16.94
CA LEU A 18 24.29 -3.18 -15.54
C LEU A 18 24.11 -4.63 -15.10
N GLY A 19 23.07 -5.30 -15.59
CA GLY A 19 22.79 -6.68 -15.21
C GLY A 19 21.38 -7.16 -15.50
N LYS A 20 21.02 -8.28 -14.90
CA LYS A 20 19.65 -8.79 -14.99
C LYS A 20 18.74 -7.90 -14.16
N PRO A 21 17.44 -7.90 -14.47
CA PRO A 21 16.47 -7.15 -13.69
C PRO A 21 16.46 -7.48 -12.20
N ARG A 22 15.98 -6.51 -11.43
CA ARG A 22 15.76 -6.71 -10.01
C ARG A 22 14.30 -7.11 -9.87
N PHE A 23 14.06 -8.25 -9.25
CA PHE A 23 12.71 -8.76 -9.07
C PHE A 23 12.39 -8.88 -7.58
N ILE A 24 11.22 -8.39 -7.19
CA ILE A 24 10.74 -8.44 -5.81
C ILE A 24 9.32 -8.99 -5.72
N SER A 25 9.10 -9.92 -4.80
CA SER A 25 7.76 -10.27 -4.36
C SER A 25 7.59 -9.90 -2.92
N VAL A 26 6.42 -9.39 -2.58
CA VAL A 26 6.02 -9.04 -1.22
C VAL A 26 4.63 -9.60 -1.01
N GLY A 27 4.45 -10.34 0.09
CA GLY A 27 3.17 -10.91 0.43
C GLY A 27 2.53 -10.22 1.62
N TYR A 28 1.21 -10.14 1.62
CA TYR A 28 0.46 -9.58 2.73
C TYR A 28 -0.65 -10.52 3.11
N VAL A 29 -0.79 -10.76 4.40
CA VAL A 29 -2.04 -11.29 4.95
C VAL A 29 -2.74 -10.09 5.55
N ASP A 30 -3.98 -9.87 5.14
CA ASP A 30 -4.72 -8.67 5.50
C ASP A 30 -3.86 -7.45 5.15
N ASP A 31 -3.53 -6.59 6.11
CA ASP A 31 -2.71 -5.42 5.84
C ASP A 31 -1.35 -5.51 6.52
N THR A 32 -0.83 -6.72 6.62
CA THR A 32 0.41 -6.98 7.29
C THR A 32 1.33 -7.74 6.34
N GLN A 33 2.50 -7.17 6.07
CA GLN A 33 3.53 -7.82 5.29
C GLN A 33 4.10 -9.03 6.03
N PHE A 34 4.19 -10.16 5.37
CA PHE A 34 4.63 -11.39 6.04
C PHE A 34 5.75 -12.16 5.34
N VAL A 35 5.94 -11.94 4.05
CA VAL A 35 7.03 -12.57 3.30
C VAL A 35 7.60 -11.64 2.20
N ARG A 36 8.79 -11.97 1.72
CA ARG A 36 9.48 -11.16 0.73
C ARG A 36 10.58 -11.95 0.02
N PHE A 37 10.69 -11.73 -1.29
CA PHE A 37 11.82 -12.20 -2.08
C PHE A 37 12.38 -11.02 -2.83
N ASP A 38 13.70 -10.88 -2.81
CA ASP A 38 14.39 -9.79 -3.50
C ASP A 38 15.60 -10.38 -4.20
N SER A 39 15.62 -10.30 -5.54
CA SER A 39 16.62 -11.00 -6.32
C SER A 39 18.01 -10.36 -6.24
N ASP A 40 18.08 -9.13 -5.72
CA ASP A 40 19.35 -8.41 -5.52
C ASP A 40 20.14 -8.86 -4.29
N ALA A 41 20.51 -10.13 -4.26
CA ALA A 41 21.50 -10.69 -3.35
C ALA A 41 22.28 -11.76 -4.11
N GLU A 42 23.38 -12.24 -3.55
CA GLU A 42 24.17 -13.30 -4.22
C GLU A 42 23.39 -14.63 -4.25
N ASN A 43 22.86 -15.02 -3.09
CA ASN A 43 22.01 -16.21 -2.98
C ASN A 43 20.69 -15.83 -2.33
N PRO A 44 19.80 -15.19 -3.08
CA PRO A 44 18.56 -14.66 -2.53
C PRO A 44 17.56 -15.74 -2.12
N ARG A 45 16.88 -15.55 -1.00
CA ARG A 45 15.95 -16.52 -0.48
C ARG A 45 14.63 -15.86 -0.14
N TYR A 46 13.56 -16.64 -0.23
CA TYR A 46 12.27 -16.25 0.33
C TYR A 46 12.45 -16.13 1.84
N GLU A 47 11.95 -15.02 2.40
CA GLU A 47 12.19 -14.64 3.80
C GLU A 47 10.90 -14.21 4.53
N PRO A 48 10.83 -14.48 5.82
CA PRO A 48 9.73 -13.97 6.65
C PRO A 48 9.93 -12.49 6.97
N ARG A 49 8.84 -11.75 7.12
CA ARG A 49 8.90 -10.34 7.51
C ARG A 49 8.05 -10.05 8.74
N VAL A 50 7.56 -11.10 9.39
CA VAL A 50 6.84 -10.98 10.66
C VAL A 50 7.24 -12.10 11.60
N ARG A 51 6.99 -11.86 12.90
CA ARG A 51 7.31 -12.79 13.97
C ARG A 51 6.66 -14.16 13.74
N TRP A 52 5.38 -14.17 13.38
CA TRP A 52 4.63 -15.44 13.29
C TRP A 52 4.94 -16.29 12.05
N MET A 53 5.88 -15.85 11.21
CA MET A 53 6.38 -16.64 10.10
C MET A 53 7.75 -17.29 10.37
N GLU A 54 8.44 -16.84 11.41
CA GLU A 54 9.82 -17.27 11.70
C GLU A 54 9.98 -18.73 12.13
N GLN A 55 8.90 -19.38 12.54
CA GLN A 55 8.99 -20.79 12.97
C GLN A 55 8.58 -21.78 11.88
N VAL A 56 8.32 -21.28 10.68
CA VAL A 56 7.86 -22.11 9.58
C VAL A 56 9.02 -22.96 9.04
N GLU A 57 8.73 -24.21 8.72
CA GLU A 57 9.75 -25.18 8.32
C GLU A 57 10.54 -24.68 7.10
N PRO A 58 11.79 -25.12 6.98
CA PRO A 58 12.63 -24.75 5.83
C PRO A 58 12.05 -25.07 4.44
N GLU A 59 11.27 -26.14 4.33
CA GLU A 59 10.72 -26.59 3.05
C GLU A 59 9.78 -25.56 2.42
N TYR A 60 9.03 -24.85 3.26
CA TYR A 60 8.19 -23.75 2.80
C TYR A 60 9.04 -22.65 2.12
N TRP A 61 10.17 -22.31 2.74
CA TRP A 61 11.05 -21.25 2.21
C TRP A 61 11.75 -21.67 0.92
N GLU A 62 12.10 -22.95 0.83
CA GLU A 62 12.83 -23.47 -0.31
C GLU A 62 11.91 -23.50 -1.51
N ARG A 63 10.71 -24.07 -1.30
CA ARG A 63 9.71 -24.19 -2.35
C ARG A 63 9.33 -22.81 -2.89
N ASN A 64 9.07 -21.86 -2.00
CA ASN A 64 8.72 -20.51 -2.42
C ASN A 64 9.90 -19.73 -3.01
N THR A 65 11.13 -20.11 -2.64
CA THR A 65 12.30 -19.55 -3.28
C THR A 65 12.33 -19.98 -4.76
N GLN A 66 12.11 -21.26 -5.04
CA GLN A 66 12.09 -21.76 -6.42
C GLN A 66 10.93 -21.18 -7.26
N ILE A 67 9.79 -20.98 -6.62
CA ILE A 67 8.67 -20.37 -7.31
C ILE A 67 8.98 -18.90 -7.59
N ALA A 68 9.64 -18.23 -6.65
CA ALA A 68 10.00 -16.82 -6.86
C ALA A 68 11.04 -16.65 -7.99
N LYS A 69 12.03 -17.54 -8.07
CA LYS A 69 13.01 -17.49 -9.15
C LYS A 69 12.36 -17.78 -10.51
N GLY A 70 11.35 -18.63 -10.53
CA GLY A 70 10.60 -18.90 -11.73
C GLY A 70 9.84 -17.66 -12.16
N ASN A 71 9.32 -16.92 -11.19
CA ASN A 71 8.61 -15.69 -11.49
C ASN A 71 9.58 -14.61 -11.93
N GLU A 72 10.79 -14.59 -11.37
CA GLU A 72 11.83 -13.69 -11.82
C GLU A 72 12.09 -13.91 -13.30
N GLN A 73 12.17 -15.17 -13.70
CA GLN A 73 12.48 -15.53 -15.08
C GLN A 73 11.34 -15.15 -15.99
N ILE A 74 10.11 -15.29 -15.51
CA ILE A 74 8.94 -14.96 -16.33
C ILE A 74 8.95 -13.46 -16.55
N PHE A 75 9.21 -12.69 -15.50
CA PHE A 75 9.25 -11.24 -15.59
C PHE A 75 10.36 -10.75 -16.51
N ARG A 76 11.50 -11.45 -16.54
CA ARG A 76 12.61 -11.08 -17.40
C ARG A 76 12.23 -11.27 -18.87
N VAL A 77 11.53 -12.37 -19.14
CA VAL A 77 11.10 -12.69 -20.49
C VAL A 77 10.00 -11.74 -20.93
N ASN A 78 9.03 -11.45 -20.06
CA ASN A 78 7.99 -10.48 -20.36
C ASN A 78 8.49 -9.06 -20.63
N LEU A 79 9.52 -8.63 -19.91
CA LEU A 79 10.11 -7.31 -20.15
C LEU A 79 10.73 -7.22 -21.55
N ARG A 80 11.37 -8.29 -22.00
CA ARG A 80 11.92 -8.34 -23.35
C ARG A 80 10.75 -8.33 -24.37
N THR A 81 9.77 -9.18 -24.15
CA THR A 81 8.61 -9.27 -25.05
C THR A 81 7.89 -7.93 -25.18
N ALA A 82 7.76 -7.24 -24.05
CA ALA A 82 7.07 -5.94 -24.01
C ALA A 82 7.78 -4.85 -24.81
N LEU A 83 9.12 -4.86 -24.83
CA LEU A 83 9.86 -3.94 -25.70
C LEU A 83 9.47 -4.11 -27.16
N ARG A 84 9.34 -5.36 -27.61
CA ARG A 84 8.88 -5.62 -28.98
C ARG A 84 7.44 -5.16 -29.17
N TYR A 85 6.55 -5.55 -28.25
CA TYR A 85 5.12 -5.29 -28.39
C TYR A 85 4.85 -3.78 -28.46
N TYR A 86 5.64 -2.99 -27.76
CA TYR A 86 5.43 -1.53 -27.66
C TYR A 86 6.44 -0.77 -28.52
N ASN A 87 7.23 -1.50 -29.31
CA ASN A 87 8.20 -0.89 -30.23
C ASN A 87 9.11 0.13 -29.57
N GLN A 88 9.65 -0.22 -28.42
CA GLN A 88 10.52 0.66 -27.67
C GLN A 88 11.97 0.37 -27.98
N SER A 89 12.78 1.41 -27.92
CA SER A 89 14.21 1.27 -28.10
C SER A 89 14.78 0.46 -26.95
N ALA A 90 15.97 -0.10 -27.14
CA ALA A 90 16.67 -0.75 -26.03
C ALA A 90 17.39 0.28 -25.17
N GLY A 91 17.93 -0.18 -24.05
CA GLY A 91 18.80 0.63 -23.22
C GLY A 91 18.13 1.37 -22.07
N GLY A 92 16.84 1.64 -22.17
CA GLY A 92 16.10 2.31 -21.11
C GLY A 92 15.81 1.37 -19.95
N SER A 93 15.28 1.92 -18.87
CA SER A 93 14.78 1.12 -17.76
C SER A 93 13.27 1.04 -17.81
N HIS A 94 12.74 -0.16 -17.56
CA HIS A 94 11.30 -0.45 -17.63
C HIS A 94 10.88 -1.31 -16.42
N THR A 95 9.58 -1.31 -16.11
CA THR A 95 9.06 -2.16 -15.06
C THR A 95 7.98 -3.10 -15.57
N PHE A 96 7.83 -4.22 -14.89
CA PHE A 96 6.73 -5.13 -15.11
C PHE A 96 6.17 -5.45 -13.73
N GLN A 97 4.85 -5.45 -13.62
CA GLN A 97 4.22 -5.64 -12.32
C GLN A 97 3.13 -6.68 -12.38
N ARG A 98 2.96 -7.43 -11.30
CA ARG A 98 1.80 -8.30 -11.15
C ARG A 98 1.25 -8.14 -9.72
N MET A 99 -0.07 -8.09 -9.61
CA MET A 99 -0.75 -8.25 -8.35
C MET A 99 -1.79 -9.36 -8.48
N TYR A 100 -1.74 -10.32 -7.57
CA TYR A 100 -2.80 -11.31 -7.46
C TYR A 100 -3.14 -11.59 -6.00
N GLY A 101 -4.21 -12.36 -5.79
CA GLY A 101 -4.64 -12.70 -4.46
C GLY A 101 -6.12 -12.91 -4.30
N CYS A 102 -6.51 -13.18 -3.06
CA CYS A 102 -7.86 -13.58 -2.73
C CYS A 102 -8.36 -12.88 -1.47
N GLU A 103 -9.68 -12.74 -1.40
CA GLU A 103 -10.39 -12.33 -0.19
C GLU A 103 -11.37 -13.43 0.16
N VAL A 104 -11.51 -13.71 1.45
CA VAL A 104 -12.48 -14.68 1.95
C VAL A 104 -13.35 -14.03 3.01
N GLY A 105 -14.58 -14.53 3.13
CA GLY A 105 -15.43 -14.19 4.27
C GLY A 105 -15.29 -15.24 5.35
N SER A 106 -16.33 -15.33 6.19
CA SER A 106 -16.29 -16.21 7.37
C SER A 106 -16.39 -17.70 7.01
N ASP A 107 -16.95 -18.01 5.84
CA ASP A 107 -17.12 -19.39 5.37
C ASP A 107 -15.84 -20.03 4.75
N TRP A 108 -14.77 -19.26 4.58
CA TRP A 108 -13.51 -19.71 3.96
C TRP A 108 -13.55 -19.91 2.44
N ARG A 109 -14.69 -19.69 1.79
CA ARG A 109 -14.78 -19.69 0.33
C ARG A 109 -14.27 -18.36 -0.24
N LEU A 110 -13.82 -18.39 -1.50
CA LEU A 110 -13.40 -17.19 -2.21
C LEU A 110 -14.58 -16.24 -2.44
N LEU A 111 -14.47 -15.03 -1.93
CA LEU A 111 -15.44 -13.96 -2.19
C LEU A 111 -15.05 -13.24 -3.47
N ARG A 112 -13.77 -12.94 -3.62
CA ARG A 112 -13.26 -12.13 -4.73
C ARG A 112 -11.78 -12.49 -5.01
N GLY A 113 -11.46 -12.79 -6.26
CA GLY A 113 -10.09 -13.01 -6.70
C GLY A 113 -9.58 -11.94 -7.65
N TYR A 114 -8.25 -11.81 -7.73
CA TYR A 114 -7.53 -10.79 -8.50
C TYR A 114 -6.36 -11.43 -9.24
N GLU A 115 -6.18 -11.02 -10.48
CA GLU A 115 -5.03 -11.44 -11.28
C GLU A 115 -4.80 -10.41 -12.40
N GLN A 116 -3.78 -9.58 -12.24
CA GLN A 116 -3.59 -8.47 -13.15
C GLN A 116 -2.14 -8.04 -13.27
N TYR A 117 -1.77 -7.58 -14.47
CA TYR A 117 -0.40 -7.20 -14.80
C TYR A 117 -0.35 -5.76 -15.33
N ALA A 118 0.82 -5.13 -15.19
CA ALA A 118 1.06 -3.79 -15.74
C ALA A 118 2.47 -3.68 -16.30
N TYR A 119 2.61 -2.90 -17.36
CA TYR A 119 3.90 -2.60 -17.95
C TYR A 119 4.17 -1.10 -17.85
N ASP A 120 5.35 -0.77 -17.34
CA ASP A 120 5.79 0.61 -17.10
C ASP A 120 4.78 1.43 -16.29
N GLY A 121 4.04 0.77 -15.40
CA GLY A 121 3.12 1.44 -14.49
C GLY A 121 1.71 1.60 -15.01
N CYS A 122 1.40 0.94 -16.11
CA CYS A 122 0.12 1.06 -16.80
C CYS A 122 -0.53 -0.30 -16.95
N ASP A 123 -1.86 -0.32 -16.83
CA ASP A 123 -2.65 -1.52 -17.10
C ASP A 123 -2.11 -2.23 -18.32
N TYR A 124 -1.96 -3.55 -18.22
CA TYR A 124 -1.62 -4.35 -19.37
C TYR A 124 -2.73 -5.37 -19.61
N ILE A 125 -2.93 -6.29 -18.68
CA ILE A 125 -4.03 -7.25 -18.80
C ILE A 125 -4.53 -7.64 -17.41
N ALA A 126 -5.84 -7.88 -17.27
CA ALA A 126 -6.42 -8.23 -15.99
C ALA A 126 -7.49 -9.29 -16.14
N LEU A 127 -7.54 -10.18 -15.17
CA LEU A 127 -8.60 -11.18 -15.12
C LEU A 127 -9.85 -10.45 -14.63
N ASN A 128 -10.98 -10.66 -15.28
CA ASN A 128 -12.22 -10.04 -14.84
C ASN A 128 -12.76 -10.71 -13.57
N GLU A 129 -13.76 -10.11 -12.95
CA GLU A 129 -14.32 -10.61 -11.69
C GLU A 129 -14.88 -12.05 -11.74
N ASP A 130 -15.38 -12.45 -12.91
CA ASP A 130 -15.80 -13.84 -13.14
C ASP A 130 -14.65 -14.87 -13.12
N LEU A 131 -13.41 -14.41 -13.14
CA LEU A 131 -12.24 -15.29 -13.19
C LEU A 131 -12.25 -16.21 -14.40
N LYS A 132 -12.91 -15.77 -15.46
CA LYS A 132 -13.10 -16.54 -16.69
C LYS A 132 -12.55 -15.84 -17.94
N THR A 133 -12.56 -14.50 -17.96
CA THR A 133 -12.19 -13.72 -19.14
C THR A 133 -11.17 -12.63 -18.80
N TRP A 134 -10.46 -12.15 -19.81
CA TRP A 134 -9.47 -11.10 -19.65
C TRP A 134 -9.92 -9.79 -20.27
N THR A 135 -9.39 -8.69 -19.72
CA THR A 135 -9.52 -7.38 -20.30
C THR A 135 -8.11 -6.95 -20.64
N ALA A 136 -7.86 -6.78 -21.94
CA ALA A 136 -6.64 -6.15 -22.42
C ALA A 136 -6.83 -4.64 -22.38
N ALA A 137 -5.78 -3.93 -21.96
CA ALA A 137 -5.83 -2.48 -21.75
C ALA A 137 -5.60 -1.71 -23.04
N ASP A 138 -4.92 -2.33 -23.99
CA ASP A 138 -4.64 -1.70 -25.28
C ASP A 138 -4.44 -2.74 -26.40
N MET A 139 -4.11 -2.25 -27.59
CA MET A 139 -3.84 -3.13 -28.71
C MET A 139 -2.65 -4.06 -28.44
N ALA A 140 -1.60 -3.57 -27.79
CA ALA A 140 -0.43 -4.41 -27.53
C ALA A 140 -0.78 -5.66 -26.76
N ALA A 141 -1.65 -5.51 -25.76
CA ALA A 141 -2.01 -6.59 -24.85
C ALA A 141 -3.00 -7.54 -25.48
N LEU A 142 -3.63 -7.11 -26.56
CA LEU A 142 -4.66 -7.91 -27.21
C LEU A 142 -4.13 -9.25 -27.69
N ILE A 143 -2.84 -9.32 -28.01
CA ILE A 143 -2.23 -10.59 -28.42
C ILE A 143 -2.11 -11.54 -27.22
N THR A 144 -1.76 -11.01 -26.05
CA THR A 144 -1.70 -11.81 -24.83
C THR A 144 -3.08 -12.37 -24.46
N LYS A 145 -4.12 -11.54 -24.54
CA LYS A 145 -5.49 -12.01 -24.34
C LYS A 145 -5.77 -13.21 -25.24
N HIS A 146 -5.35 -13.14 -26.49
CA HIS A 146 -5.59 -14.24 -27.41
C HIS A 146 -4.81 -15.50 -27.06
N LYS A 147 -3.54 -15.36 -26.71
CA LYS A 147 -2.69 -16.49 -26.34
C LYS A 147 -3.21 -17.19 -25.09
N TRP A 148 -3.62 -16.39 -24.09
CA TRP A 148 -4.06 -16.90 -22.79
C TRP A 148 -5.45 -17.54 -22.86
N GLU A 149 -6.26 -17.07 -23.79
CA GLU A 149 -7.57 -17.69 -24.06
C GLU A 149 -7.41 -19.04 -24.76
N GLN A 150 -6.50 -19.12 -25.73
CA GLN A 150 -6.27 -20.37 -26.46
C GLN A 150 -5.66 -21.43 -25.55
N ALA A 151 -4.84 -21.00 -24.60
CA ALA A 151 -4.14 -21.91 -23.71
C ALA A 151 -4.98 -22.30 -22.49
N GLY A 152 -6.13 -21.65 -22.31
CA GLY A 152 -6.98 -21.88 -21.15
C GLY A 152 -6.39 -21.44 -19.81
N ASP A 153 -5.68 -20.33 -19.80
CA ASP A 153 -4.97 -19.87 -18.59
C ASP A 153 -5.87 -19.35 -17.48
N ALA A 154 -7.04 -18.84 -17.83
CA ALA A 154 -7.97 -18.33 -16.82
C ALA A 154 -8.39 -19.43 -15.87
N GLU A 155 -8.57 -20.66 -16.38
CA GLU A 155 -8.98 -21.82 -15.56
C GLU A 155 -7.95 -22.16 -14.47
N ARG A 156 -6.68 -22.12 -14.84
CA ARG A 156 -5.59 -22.42 -13.91
C ARG A 156 -5.41 -21.34 -12.85
N ASP A 157 -5.53 -20.09 -13.27
CA ASP A 157 -5.48 -18.96 -12.36
C ASP A 157 -6.69 -18.94 -11.44
N ARG A 158 -7.84 -19.33 -12.00
CA ARG A 158 -9.07 -19.49 -11.25
C ARG A 158 -8.89 -20.55 -10.17
N ALA A 159 -8.33 -21.69 -10.56
CA ALA A 159 -8.20 -22.82 -9.65
C ALA A 159 -7.27 -22.47 -8.48
N TYR A 160 -6.18 -21.78 -8.78
CA TYR A 160 -5.26 -21.31 -7.77
C TYR A 160 -5.98 -20.44 -6.70
N LEU A 161 -6.72 -19.44 -7.16
CA LEU A 161 -7.37 -18.46 -6.29
C LEU A 161 -8.51 -19.09 -5.48
N GLU A 162 -9.18 -20.07 -6.07
CA GLU A 162 -10.30 -20.76 -5.41
C GLU A 162 -9.81 -21.86 -4.46
N GLY A 163 -8.54 -22.22 -4.54
CA GLY A 163 -8.02 -23.39 -3.83
C GLY A 163 -6.79 -23.04 -3.01
N THR A 164 -5.62 -23.16 -3.60
CA THR A 164 -4.38 -22.82 -2.91
C THR A 164 -4.46 -21.50 -2.14
N CYS A 165 -4.77 -20.41 -2.82
CA CYS A 165 -4.71 -19.07 -2.20
C CYS A 165 -5.58 -19.00 -0.95
N VAL A 166 -6.82 -19.40 -1.10
CA VAL A 166 -7.79 -19.33 -0.01
C VAL A 166 -7.41 -20.27 1.16
N GLU A 167 -6.82 -21.42 0.82
CA GLU A 167 -6.49 -22.43 1.82
C GLU A 167 -5.23 -22.05 2.60
N TRP A 168 -4.24 -21.46 1.94
CA TRP A 168 -3.04 -21.01 2.63
C TRP A 168 -3.33 -19.75 3.46
N LEU A 169 -4.23 -18.91 2.98
CA LEU A 169 -4.73 -17.80 3.77
C LEU A 169 -5.26 -18.32 5.11
N ARG A 170 -6.09 -19.37 5.05
CA ARG A 170 -6.61 -19.99 6.26
C ARG A 170 -5.49 -20.51 7.17
N ARG A 171 -4.46 -21.11 6.60
CA ARG A 171 -3.33 -21.60 7.37
C ARG A 171 -2.59 -20.48 8.08
N TYR A 172 -2.27 -19.41 7.35
CA TYR A 172 -1.50 -18.29 7.91
C TYR A 172 -2.21 -17.64 9.08
N LEU A 173 -3.54 -17.59 9.03
CA LEU A 173 -4.33 -16.99 10.08
C LEU A 173 -4.36 -17.80 11.37
N GLN A 174 -3.98 -19.08 11.31
CA GLN A 174 -3.84 -19.90 12.52
C GLN A 174 -2.46 -19.80 13.16
N LEU A 175 -1.55 -19.09 12.51
CA LEU A 175 -0.16 -19.00 12.96
C LEU A 175 -0.01 -17.95 14.07
N GLY A 176 1.05 -18.07 14.86
CA GLY A 176 1.33 -17.14 15.94
C GLY A 176 0.46 -17.35 17.18
N ASN A 177 -0.10 -16.25 17.70
CA ASN A 177 -0.94 -16.30 18.88
C ASN A 177 -2.18 -15.43 18.68
N ARG A 182 -7.31 -10.82 15.37
CA ARG A 182 -7.56 -9.73 16.31
C ARG A 182 -7.60 -8.36 15.62
N THR A 183 -8.42 -7.49 16.18
CA THR A 183 -8.73 -6.21 15.61
C THR A 183 -8.33 -5.11 16.58
N ASP A 184 -7.77 -4.03 16.07
CA ASP A 184 -7.45 -2.86 16.87
C ASP A 184 -8.48 -1.78 16.58
N SER A 185 -9.26 -1.39 17.59
CA SER A 185 -10.29 -0.37 17.40
C SER A 185 -9.67 1.02 17.30
N PRO A 186 -10.27 1.89 16.48
CA PRO A 186 -9.84 3.28 16.37
C PRO A 186 -10.20 4.11 17.60
N LYS A 187 -9.33 5.07 17.92
CA LYS A 187 -9.64 6.13 18.87
C LYS A 187 -9.79 7.40 18.05
N ALA A 188 -10.90 8.11 18.26
CA ALA A 188 -11.20 9.29 17.46
C ALA A 188 -11.19 10.58 18.27
N HIS A 189 -10.66 11.63 17.68
CA HIS A 189 -10.76 13.00 18.19
C HIS A 189 -11.13 13.94 17.04
N VAL A 190 -11.73 15.08 17.39
CA VAL A 190 -11.99 16.15 16.43
C VAL A 190 -11.21 17.39 16.88
N THR A 191 -10.42 17.96 15.98
CA THR A 191 -9.72 19.22 16.24
C THR A 191 -10.34 20.36 15.43
N ARG A 192 -10.14 21.58 15.91
CA ARG A 192 -10.66 22.80 15.25
C ARG A 192 -9.49 23.70 14.86
N HIS A 193 -9.58 24.31 13.70
CA HIS A 193 -8.48 25.10 13.14
C HIS A 193 -9.01 26.36 12.47
N SER A 194 -8.27 27.45 12.62
CA SER A 194 -8.71 28.72 12.08
C SER A 194 -8.42 28.82 10.58
N ARG A 195 -9.18 29.69 9.92
CA ARG A 195 -8.92 30.08 8.54
C ARG A 195 -9.07 31.60 8.42
N PRO A 196 -8.54 32.19 7.35
CA PRO A 196 -8.63 33.65 7.14
C PRO A 196 -10.03 34.23 7.39
N GLU A 197 -11.06 33.66 6.78
CA GLU A 197 -12.43 34.17 6.93
C GLU A 197 -13.06 33.72 8.25
N ASP A 198 -14.36 34.00 8.43
CA ASP A 198 -15.10 33.63 9.65
C ASP A 198 -15.59 32.17 9.57
N LYS A 199 -14.66 31.29 9.25
CA LYS A 199 -14.89 29.86 9.13
C LYS A 199 -13.73 29.10 9.77
N VAL A 200 -13.86 27.79 9.80
CA VAL A 200 -13.04 26.95 10.65
C VAL A 200 -13.04 25.55 10.04
N THR A 201 -11.91 24.86 10.13
CA THR A 201 -11.81 23.46 9.73
C THR A 201 -12.04 22.56 10.92
N LEU A 202 -12.97 21.62 10.81
CA LEU A 202 -13.04 20.51 11.75
C LEU A 202 -12.38 19.29 11.10
N ARG A 203 -11.32 18.80 11.75
CA ARG A 203 -10.63 17.60 11.31
C ARG A 203 -10.96 16.44 12.24
N CYS A 204 -11.51 15.38 11.68
CA CYS A 204 -11.82 14.18 12.45
C CYS A 204 -10.76 13.11 12.27
N TRP A 205 -10.10 12.73 13.36
CA TRP A 205 -9.01 11.76 13.33
C TRP A 205 -9.44 10.40 13.85
N ALA A 206 -9.07 9.35 13.11
CA ALA A 206 -9.09 7.97 13.62
C ALA A 206 -7.65 7.47 13.75
N LEU A 207 -7.27 6.99 14.94
CA LEU A 207 -5.91 6.51 15.22
C LEU A 207 -5.87 5.11 15.80
N GLY A 208 -4.73 4.44 15.62
CA GLY A 208 -4.43 3.18 16.28
C GLY A 208 -5.29 2.00 15.87
N PHE A 209 -5.73 1.96 14.63
CA PHE A 209 -6.66 0.91 14.21
C PHE A 209 -6.03 -0.12 13.24
N TYR A 210 -6.53 -1.35 13.32
CA TYR A 210 -6.19 -2.44 12.39
C TYR A 210 -7.39 -3.38 12.29
N PRO A 211 -7.76 -3.87 11.10
CA PRO A 211 -7.11 -3.53 9.82
C PRO A 211 -7.41 -2.11 9.31
N ALA A 212 -6.82 -1.80 8.15
CA ALA A 212 -6.86 -0.46 7.59
C ALA A 212 -8.23 -0.02 7.06
N ASP A 213 -9.12 -0.96 6.76
CA ASP A 213 -10.42 -0.64 6.20
C ASP A 213 -11.25 0.12 7.24
N ILE A 214 -11.58 1.36 6.90
CA ILE A 214 -12.33 2.24 7.79
C ILE A 214 -13.20 3.15 6.97
N THR A 215 -14.22 3.71 7.60
CA THR A 215 -15.03 4.72 6.97
C THR A 215 -15.17 5.90 7.91
N LEU A 216 -14.74 7.06 7.43
CA LEU A 216 -14.87 8.34 8.13
C LEU A 216 -15.76 9.19 7.30
N THR A 217 -16.91 9.58 7.84
CA THR A 217 -17.79 10.52 7.15
C THR A 217 -18.28 11.60 8.09
N TRP A 218 -18.33 12.81 7.58
CA TRP A 218 -18.98 13.90 8.25
C TRP A 218 -20.43 14.01 7.78
N GLN A 219 -21.26 14.59 8.62
CA GLN A 219 -22.65 14.89 8.30
C GLN A 219 -23.04 16.27 8.84
N LEU A 220 -23.96 16.91 8.15
CA LEU A 220 -24.55 18.15 8.57
C LEU A 220 -26.00 17.88 8.92
N ASN A 221 -26.37 18.16 10.18
CA ASN A 221 -27.72 17.91 10.69
C ASN A 221 -28.20 16.48 10.45
N GLY A 222 -27.30 15.51 10.61
CA GLY A 222 -27.66 14.10 10.48
C GLY A 222 -27.93 13.63 9.07
N GLU A 223 -27.46 14.39 8.08
CA GLU A 223 -27.66 14.08 6.66
C GLU A 223 -26.38 14.32 5.86
N GLU A 224 -26.36 13.77 4.66
CA GLU A 224 -25.23 13.90 3.73
C GLU A 224 -24.77 15.35 3.51
N LEU A 225 -23.46 15.54 3.44
CA LEU A 225 -22.83 16.85 3.19
C LEU A 225 -23.23 17.47 1.84
N THR A 226 -23.27 18.81 1.75
CA THR A 226 -23.29 19.41 0.42
C THR A 226 -21.88 19.74 -0.09
N GLN A 227 -20.99 20.17 0.80
CA GLN A 227 -19.58 20.38 0.46
C GLN A 227 -18.87 19.03 0.30
N ASP A 228 -17.71 19.03 -0.34
CA ASP A 228 -16.83 17.85 -0.37
C ASP A 228 -15.89 17.83 0.82
N MET A 229 -15.81 16.69 1.50
CA MET A 229 -14.82 16.47 2.55
C MET A 229 -13.44 16.49 1.93
N GLU A 230 -12.47 17.03 2.66
CA GLU A 230 -11.06 16.74 2.38
C GLU A 230 -10.65 15.52 3.21
N LEU A 231 -9.82 14.68 2.65
CA LEU A 231 -9.28 13.56 3.40
C LEU A 231 -7.94 13.10 2.86
N VAL A 232 -7.27 12.30 3.69
CA VAL A 232 -6.05 11.65 3.31
C VAL A 232 -6.35 10.18 3.23
N GLU A 233 -5.60 9.46 2.40
CA GLU A 233 -5.76 8.02 2.33
C GLU A 233 -5.27 7.45 3.65
N THR A 234 -5.86 6.32 4.03
CA THR A 234 -5.48 5.59 5.22
C THR A 234 -3.99 5.28 5.14
N ARG A 235 -3.27 5.43 6.25
CA ARG A 235 -1.81 5.46 6.23
C ARG A 235 -1.18 4.80 7.46
N PRO A 236 -0.06 4.10 7.27
CA PRO A 236 0.58 3.37 8.38
C PRO A 236 1.25 4.29 9.42
N ALA A 237 1.12 3.92 10.69
CA ALA A 237 1.61 4.75 11.79
C ALA A 237 2.99 4.33 12.27
N GLY A 238 3.50 3.24 11.71
CA GLY A 238 4.84 2.77 12.03
C GLY A 238 4.91 1.65 13.04
N ASP A 239 3.78 1.29 13.66
CA ASP A 239 3.76 0.20 14.65
C ASP A 239 2.77 -0.92 14.29
N GLY A 240 2.42 -1.01 13.01
CA GLY A 240 1.41 -1.96 12.54
C GLY A 240 -0.04 -1.51 12.69
N THR A 241 -0.28 -0.25 13.02
CA THR A 241 -1.64 0.29 13.01
C THR A 241 -1.76 1.34 11.91
N PHE A 242 -2.95 1.89 11.75
CA PHE A 242 -3.21 2.85 10.69
C PHE A 242 -3.90 4.07 11.26
N GLN A 243 -3.79 5.18 10.55
CA GLN A 243 -4.55 6.38 10.89
C GLN A 243 -5.16 7.00 9.64
N LYS A 244 -6.16 7.84 9.88
CA LYS A 244 -6.85 8.57 8.82
C LYS A 244 -7.43 9.85 9.38
N TRP A 245 -7.61 10.83 8.52
CA TRP A 245 -8.45 11.96 8.87
C TRP A 245 -9.30 12.45 7.74
N ALA A 246 -10.46 12.96 8.11
CA ALA A 246 -11.39 13.59 7.17
C ALA A 246 -11.76 14.95 7.75
N SER A 247 -12.03 15.92 6.89
CA SER A 247 -12.30 17.26 7.38
C SER A 247 -13.35 17.99 6.60
N VAL A 248 -13.85 19.03 7.22
CA VAL A 248 -14.99 19.78 6.75
C VAL A 248 -14.73 21.26 7.15
N VAL A 249 -15.30 22.18 6.38
CA VAL A 249 -15.18 23.61 6.67
C VAL A 249 -16.56 24.04 7.09
N VAL A 250 -16.64 24.74 8.23
CA VAL A 250 -17.91 25.09 8.84
C VAL A 250 -17.88 26.54 9.31
N PRO A 251 -19.06 27.15 9.46
CA PRO A 251 -19.13 28.50 10.02
C PRO A 251 -18.65 28.50 11.47
N LEU A 252 -17.90 29.53 11.83
CA LEU A 252 -17.53 29.77 13.21
C LEU A 252 -18.82 29.92 14.03
N GLY A 253 -18.97 29.14 15.08
CA GLY A 253 -20.18 29.15 15.88
C GLY A 253 -21.20 28.07 15.55
N LYS A 254 -21.03 27.37 14.43
CA LYS A 254 -22.00 26.35 14.01
C LYS A 254 -21.38 24.98 13.99
N GLU A 255 -20.26 24.83 14.69
CA GLU A 255 -19.46 23.62 14.68
C GLU A 255 -20.23 22.37 15.04
N GLN A 256 -21.14 22.51 16.00
CA GLN A 256 -21.83 21.36 16.57
C GLN A 256 -23.05 20.89 15.79
N TYR A 257 -23.37 21.56 14.69
CA TYR A 257 -24.34 21.01 13.75
C TYR A 257 -23.71 19.90 12.92
N TYR A 258 -22.39 19.76 12.95
CA TYR A 258 -21.66 18.75 12.18
C TYR A 258 -21.17 17.61 13.07
N THR A 259 -21.26 16.39 12.56
CA THR A 259 -20.87 15.20 13.30
C THR A 259 -19.98 14.30 12.45
N CYS A 260 -19.02 13.68 13.11
CA CYS A 260 -18.13 12.70 12.50
C CYS A 260 -18.58 11.28 12.86
N HIS A 261 -18.48 10.38 11.89
CA HIS A 261 -18.96 9.02 12.04
C HIS A 261 -17.84 8.06 11.66
N VAL A 262 -17.58 7.08 12.51
CA VAL A 262 -16.46 6.17 12.31
C VAL A 262 -16.95 4.73 12.34
N TYR A 263 -16.73 4.02 11.24
CA TYR A 263 -17.12 2.61 11.10
C TYR A 263 -15.87 1.78 10.93
N HIS A 264 -15.75 0.75 11.76
CA HIS A 264 -14.59 -0.12 11.75
C HIS A 264 -14.98 -1.48 12.32
N GLN A 265 -14.36 -2.53 11.81
CA GLN A 265 -14.66 -3.89 12.24
C GLN A 265 -14.63 -4.05 13.76
N GLY A 266 -13.65 -3.41 14.40
CA GLY A 266 -13.44 -3.54 15.84
C GLY A 266 -14.54 -2.98 16.70
N LEU A 267 -15.16 -1.89 16.27
CA LEU A 267 -16.16 -1.18 17.07
C LEU A 267 -17.46 -1.97 17.21
N PRO A 268 -17.99 -2.06 18.44
CA PRO A 268 -19.33 -2.63 18.68
C PRO A 268 -20.39 -1.92 17.84
N GLU A 269 -20.37 -0.59 17.88
CA GLU A 269 -21.15 0.22 16.93
C GLU A 269 -20.32 1.42 16.47
N PRO A 270 -20.75 2.05 15.38
CA PRO A 270 -20.08 3.25 14.86
C PRO A 270 -19.90 4.33 15.93
N LEU A 271 -18.80 5.06 15.88
CA LEU A 271 -18.62 6.22 16.74
C LEU A 271 -19.31 7.43 16.12
N THR A 272 -19.86 8.27 16.99
CA THR A 272 -20.39 9.56 16.59
C THR A 272 -19.70 10.58 17.47
N LEU A 273 -19.12 11.61 16.87
CA LEU A 273 -18.53 12.67 17.68
C LEU A 273 -18.59 14.01 16.98
N ARG A 274 -18.57 15.07 17.79
CA ARG A 274 -18.54 16.42 17.26
C ARG A 274 -17.54 17.25 18.05
N TRP A 275 -17.11 18.37 17.49
CA TRP A 275 -16.15 19.21 18.16
C TRP A 275 -16.62 19.61 19.55
N GLU A 276 -15.67 19.74 20.45
CA GLU A 276 -15.94 19.97 21.86
C GLU A 276 -14.67 20.59 22.46
N PRO A 277 -14.78 21.79 23.01
CA PRO A 277 -13.67 22.35 23.82
C PRO A 277 -13.53 21.63 25.17
N GLN B 3 5.45 8.39 -15.90
CA GLN B 3 6.06 9.03 -14.69
C GLN B 3 5.04 9.75 -13.81
N LYS B 4 4.87 9.26 -12.58
CA LYS B 4 3.93 9.81 -11.61
C LYS B 4 4.70 10.46 -10.46
N THR B 5 4.22 11.62 -10.01
CA THR B 5 4.89 12.42 -8.97
C THR B 5 4.58 11.88 -7.57
N PRO B 6 5.60 11.79 -6.71
CA PRO B 6 5.39 11.33 -5.33
C PRO B 6 4.69 12.36 -4.44
N GLN B 7 3.58 11.95 -3.82
CA GLN B 7 2.93 12.71 -2.77
C GLN B 7 3.61 12.36 -1.45
N ILE B 8 3.71 13.34 -0.55
CA ILE B 8 4.43 13.17 0.70
C ILE B 8 3.55 13.60 1.87
N GLN B 9 3.47 12.73 2.88
CA GLN B 9 2.75 13.01 4.11
C GLN B 9 3.72 12.84 5.25
N VAL B 10 3.71 13.78 6.19
CA VAL B 10 4.59 13.76 7.35
C VAL B 10 3.72 13.86 8.59
N TYR B 11 3.89 12.94 9.53
CA TYR B 11 2.98 12.81 10.66
C TYR B 11 3.53 11.88 11.74
N SER B 12 2.99 11.97 12.95
CA SER B 12 3.39 11.08 14.06
C SER B 12 2.35 9.97 14.29
N ARG B 13 2.69 9.01 15.15
CA ARG B 13 1.76 7.92 15.49
C ARG B 13 0.72 8.45 16.46
N HIS B 14 1.21 9.10 17.51
CA HIS B 14 0.35 9.70 18.52
C HIS B 14 0.35 11.22 18.36
N PRO B 15 -0.69 11.87 18.86
CA PRO B 15 -0.68 13.34 18.98
C PRO B 15 0.61 13.82 19.67
N PRO B 16 1.33 14.75 19.04
CA PRO B 16 2.66 15.12 19.51
C PRO B 16 2.63 15.93 20.79
N GLU B 17 3.37 15.47 21.79
CA GLU B 17 3.53 16.19 23.06
C GLU B 17 5.01 16.53 23.23
N ASN B 18 5.31 17.79 23.55
CA ASN B 18 6.70 18.23 23.70
C ASN B 18 7.39 17.47 24.83
N GLY B 19 8.31 16.57 24.48
CA GLY B 19 9.06 15.79 25.46
C GLY B 19 8.46 14.43 25.77
N LYS B 20 7.80 13.81 24.79
CA LYS B 20 7.19 12.49 24.95
C LYS B 20 7.56 11.59 23.76
N PRO B 21 8.01 10.36 24.03
CA PRO B 21 8.37 9.40 22.96
C PRO B 21 7.29 9.24 21.89
N ASN B 22 7.68 9.39 20.62
CA ASN B 22 6.74 9.33 19.50
C ASN B 22 7.42 8.83 18.22
N ILE B 23 6.64 8.29 17.29
CA ILE B 23 7.16 7.89 15.97
C ILE B 23 6.84 8.98 14.94
N LEU B 24 7.87 9.62 14.38
CA LEU B 24 7.67 10.42 13.17
C LEU B 24 7.57 9.47 11.96
N ASN B 25 6.81 9.89 10.95
CA ASN B 25 6.56 9.06 9.76
C ASN B 25 6.60 9.93 8.51
N CYS B 26 7.35 9.52 7.50
CA CYS B 26 7.30 10.13 6.19
C CYS B 26 6.80 9.10 5.18
N TYR B 27 5.53 9.22 4.81
CA TYR B 27 4.85 8.32 3.88
C TYR B 27 4.90 8.90 2.46
N VAL B 28 5.71 8.30 1.60
CA VAL B 28 5.87 8.72 0.21
C VAL B 28 5.15 7.74 -0.71
N THR B 29 4.25 8.25 -1.55
CA THR B 29 3.33 7.41 -2.31
C THR B 29 3.06 7.92 -3.72
N GLN B 30 2.38 7.08 -4.50
CA GLN B 30 1.90 7.41 -5.84
C GLN B 30 2.99 7.82 -6.83
N PHE B 31 4.15 7.17 -6.74
CA PHE B 31 5.26 7.50 -7.64
C PHE B 31 5.65 6.38 -8.60
N HIS B 32 6.43 6.76 -9.61
CA HIS B 32 6.90 5.84 -10.65
C HIS B 32 7.92 6.56 -11.53
N PRO B 33 9.09 5.99 -11.79
CA PRO B 33 9.47 4.61 -11.42
C PRO B 33 9.81 4.42 -9.93
N PRO B 34 10.07 3.20 -9.49
CA PRO B 34 10.29 2.93 -8.07
C PRO B 34 11.56 3.50 -7.43
N HIS B 35 12.55 3.95 -8.19
CA HIS B 35 13.83 4.38 -7.61
C HIS B 35 13.64 5.65 -6.79
N ILE B 36 14.00 5.60 -5.51
CA ILE B 36 13.79 6.74 -4.62
C ILE B 36 14.70 6.73 -3.38
N GLU B 37 15.29 7.88 -3.08
CA GLU B 37 16.01 8.08 -1.82
C GLU B 37 15.23 9.14 -1.03
N ILE B 38 14.79 8.76 0.15
CA ILE B 38 13.95 9.64 0.95
C ILE B 38 14.77 10.17 2.12
N GLN B 39 14.51 11.41 2.50
CA GLN B 39 15.35 12.16 3.44
C GLN B 39 14.53 12.70 4.63
N MET B 40 14.66 12.06 5.79
CA MET B 40 14.03 12.54 7.02
C MET B 40 15.01 13.51 7.72
N LEU B 41 14.50 14.66 8.15
CA LEU B 41 15.35 15.76 8.60
C LEU B 41 14.92 16.38 9.94
N LYS B 42 15.79 17.22 10.50
CA LYS B 42 15.58 17.85 11.79
C LYS B 42 16.38 19.15 11.84
N ASN B 43 15.70 20.27 11.55
CA ASN B 43 16.33 21.59 11.43
C ASN B 43 17.38 21.63 10.32
N GLY B 44 17.22 20.78 9.31
CA GLY B 44 18.15 20.70 8.19
C GLY B 44 19.03 19.47 8.18
N LYS B 45 19.45 19.00 9.35
CA LYS B 45 20.40 17.88 9.44
C LYS B 45 19.74 16.51 9.21
N LYS B 46 20.55 15.53 8.81
CA LYS B 46 20.08 14.16 8.54
C LYS B 46 19.87 13.39 9.84
N ILE B 47 18.83 12.55 9.87
CA ILE B 47 18.59 11.65 11.00
C ILE B 47 19.14 10.27 10.66
N PRO B 48 20.04 9.74 11.51
CA PRO B 48 20.66 8.44 11.26
C PRO B 48 19.77 7.27 11.64
N LYS B 49 19.87 6.18 10.86
CA LYS B 49 19.15 4.95 11.13
C LYS B 49 17.63 5.14 11.08
N VAL B 50 17.15 5.52 9.91
CA VAL B 50 15.72 5.63 9.62
C VAL B 50 15.23 4.29 9.11
N GLU B 51 14.40 3.60 9.89
CA GLU B 51 13.89 2.28 9.51
C GLU B 51 12.90 2.38 8.35
N MET B 52 13.26 1.78 7.21
CA MET B 52 12.41 1.79 6.01
C MET B 52 11.50 0.56 5.98
N SER B 53 10.27 0.76 5.54
CA SER B 53 9.40 -0.33 5.20
C SER B 53 9.84 -0.85 3.83
N ASP B 54 9.39 -2.04 3.48
CA ASP B 54 9.56 -2.51 2.11
C ASP B 54 8.59 -1.75 1.21
N MET B 55 8.97 -1.61 -0.05
CA MET B 55 8.11 -0.97 -1.05
C MET B 55 6.94 -1.88 -1.43
N SER B 56 5.85 -1.28 -1.88
CA SER B 56 4.72 -2.00 -2.47
C SER B 56 4.00 -1.03 -3.41
N PHE B 57 2.82 -1.42 -3.91
CA PHE B 57 2.08 -0.56 -4.83
C PHE B 57 0.56 -0.73 -4.77
N SER B 58 -0.14 0.25 -5.30
CA SER B 58 -1.59 0.37 -5.22
C SER B 58 -2.26 -0.22 -6.45
N LYS B 59 -3.57 -0.05 -6.57
CA LYS B 59 -4.32 -0.61 -7.70
C LYS B 59 -4.03 0.11 -9.02
N ASP B 60 -3.54 1.35 -8.93
CA ASP B 60 -3.15 2.09 -10.13
C ASP B 60 -1.65 1.93 -10.43
N TRP B 61 -1.01 1.03 -9.68
CA TRP B 61 0.33 0.51 -9.95
C TRP B 61 1.50 1.34 -9.38
N SER B 62 1.20 2.53 -8.89
CA SER B 62 2.23 3.42 -8.38
C SER B 62 2.70 2.97 -7.00
N PHE B 63 3.92 3.36 -6.65
CA PHE B 63 4.61 2.78 -5.50
C PHE B 63 4.44 3.58 -4.21
N TYR B 64 4.56 2.86 -3.10
CA TYR B 64 4.34 3.35 -1.75
C TYR B 64 5.49 2.90 -0.87
N ILE B 65 5.92 3.76 0.05
CA ILE B 65 6.96 3.40 1.00
C ILE B 65 6.85 4.28 2.22
N LEU B 66 7.20 3.72 3.38
CA LEU B 66 7.15 4.44 4.64
C LEU B 66 8.54 4.52 5.26
N ALA B 67 9.01 5.73 5.49
CA ALA B 67 10.17 5.98 6.36
C ALA B 67 9.66 6.41 7.74
N HIS B 68 10.29 5.90 8.81
CA HIS B 68 9.84 6.23 10.18
C HIS B 68 10.93 6.03 11.24
N THR B 69 10.99 6.98 12.17
CA THR B 69 11.98 7.00 13.24
C THR B 69 11.32 7.32 14.58
N GLU B 70 12.07 7.10 15.67
CA GLU B 70 11.69 7.60 16.99
C GLU B 70 12.27 9.01 17.16
N PHE B 71 11.55 9.85 17.92
CA PHE B 71 11.92 11.26 18.06
C PHE B 71 11.20 11.96 19.24
N THR B 72 11.88 12.92 19.85
CA THR B 72 11.32 13.76 20.93
C THR B 72 11.01 15.17 20.43
N PRO B 73 9.76 15.46 20.07
CA PRO B 73 9.40 16.78 19.54
C PRO B 73 9.60 17.94 20.53
N THR B 74 9.91 19.12 20.01
CA THR B 74 10.04 20.34 20.80
C THR B 74 9.43 21.55 20.09
N GLU B 75 9.07 22.57 20.86
CA GLU B 75 8.42 23.78 20.32
C GLU B 75 9.24 24.45 19.22
N THR B 76 10.56 24.50 19.42
CA THR B 76 11.47 25.19 18.48
C THR B 76 11.84 24.31 17.28
N ASP B 77 12.01 23.01 17.52
CA ASP B 77 12.52 22.10 16.51
C ASP B 77 11.51 21.85 15.37
N THR B 78 12.02 21.86 14.14
CA THR B 78 11.21 21.52 12.96
C THR B 78 11.66 20.17 12.37
N TYR B 79 10.78 19.56 11.57
CA TYR B 79 11.10 18.33 10.83
C TYR B 79 10.53 18.39 9.42
N ALA B 80 11.12 17.62 8.50
CA ALA B 80 10.68 17.67 7.11
C ALA B 80 11.04 16.40 6.32
N CYS B 81 10.55 16.34 5.08
CA CYS B 81 10.91 15.26 4.17
C CYS B 81 11.17 15.86 2.79
N ARG B 82 12.42 15.77 2.32
CA ARG B 82 12.79 16.07 0.94
C ARG B 82 12.98 14.74 0.22
N VAL B 83 12.38 14.61 -0.95
CA VAL B 83 12.35 13.32 -1.64
C VAL B 83 13.03 13.43 -3.01
N LYS B 84 13.87 12.44 -3.30
CA LYS B 84 14.67 12.41 -4.53
C LYS B 84 14.02 11.46 -5.54
N HIS B 85 13.47 12.02 -6.61
CA HIS B 85 12.79 11.22 -7.64
C HIS B 85 12.99 11.76 -9.07
N ASP B 86 12.90 10.85 -10.04
CA ASP B 86 13.14 11.13 -11.45
C ASP B 86 12.02 11.94 -12.13
N SER B 87 10.85 12.03 -11.51
CA SER B 87 9.72 12.74 -12.09
C SER B 87 9.85 14.26 -11.91
N MET B 88 10.64 14.68 -10.92
CA MET B 88 10.78 16.08 -10.58
C MET B 88 11.99 16.72 -11.24
N ALA B 89 12.04 18.04 -11.19
CA ALA B 89 13.26 18.77 -11.49
C ALA B 89 14.16 18.71 -10.26
N GLU B 90 13.61 19.14 -9.12
CA GLU B 90 14.37 19.26 -7.88
C GLU B 90 13.60 18.71 -6.69
N PRO B 91 14.30 18.38 -5.61
CA PRO B 91 13.66 17.84 -4.39
C PRO B 91 12.37 18.54 -3.96
N LYS B 92 11.31 17.76 -3.68
CA LYS B 92 10.03 18.28 -3.24
C LYS B 92 9.98 18.19 -1.73
N THR B 93 9.67 19.30 -1.06
CA THR B 93 9.76 19.40 0.39
C THR B 93 8.41 19.62 1.08
N VAL B 94 8.13 18.79 2.08
CA VAL B 94 6.94 18.89 2.90
C VAL B 94 7.35 18.88 4.38
N TYR B 95 7.06 19.97 5.09
CA TYR B 95 7.42 20.10 6.50
C TYR B 95 6.33 19.50 7.40
N TRP B 96 6.72 19.10 8.60
CA TRP B 96 5.80 18.51 9.56
C TRP B 96 4.87 19.58 10.13
N ASP B 97 3.60 19.50 9.73
CA ASP B 97 2.56 20.36 10.31
C ASP B 97 2.00 19.62 11.52
N ARG B 98 2.44 20.02 12.71
CA ARG B 98 2.04 19.35 13.95
C ARG B 98 0.73 19.93 14.48
N ASP B 99 0.58 21.26 14.35
CA ASP B 99 -0.70 21.96 14.61
C ASP B 99 -1.89 21.36 13.85
N MET B 100 -1.63 20.60 12.78
CA MET B 100 -2.64 19.86 12.04
C MET B 100 -3.25 18.77 12.91
N PHE C 1 0.91 -18.94 -0.13
CA PHE C 1 1.73 -19.84 -1.04
C PHE C 1 1.56 -19.48 -2.53
N GLU C 2 2.67 -19.19 -3.21
CA GLU C 2 2.63 -18.36 -4.42
C GLU C 2 2.34 -19.10 -5.71
N ALA C 3 1.77 -18.36 -6.66
CA ALA C 3 1.46 -18.88 -7.98
C ALA C 3 2.49 -18.48 -9.04
N ASN C 4 2.52 -19.25 -10.10
CA ASN C 4 3.34 -18.94 -11.25
C ASN C 4 2.69 -17.80 -12.00
N GLY C 5 3.51 -16.92 -12.56
CA GLY C 5 3.03 -15.90 -13.47
C GLY C 5 2.77 -16.49 -14.86
N ASN C 6 2.36 -15.65 -15.80
CA ASN C 6 2.19 -16.05 -17.17
C ASN C 6 3.10 -15.23 -18.10
N LEU C 7 3.47 -15.85 -19.22
CA LEU C 7 4.23 -15.22 -20.28
C LEU C 7 3.31 -14.40 -21.16
N ILE C 8 3.56 -13.10 -21.29
CA ILE C 8 2.76 -12.25 -22.19
C ILE C 8 3.09 -12.50 -23.68
#